data_7UZ0
#
_entry.id   7UZ0
#
_cell.length_a   46.168
_cell.length_b   56.695
_cell.length_c   268.908
_cell.angle_alpha   90.000
_cell.angle_beta   90.000
_cell.angle_gamma   90.000
#
_symmetry.space_group_name_H-M   'C 2 2 21'
#
loop_
_entity.id
_entity.type
_entity.pdbx_description
1 polymer 'AntiT-tRNA flip UCCA'
2 non-polymer 'STRONTIUM ION'
3 non-polymer 'MAGNESIUM ION'
#
_entity_poly.entity_id   1
_entity_poly.type   'polyribonucleotide'
_entity_poly.pdbx_seq_one_letter_code
;(GTP)CGGAAGUAGUUCAGUGGUAGAACACCUACUGGCCCGAAAGGGUGGAACCCCAGUAGGGGGUCGCGGGUUCGAGUC
CCGUCUUCCGC
;
_entity_poly.pdbx_strand_id   A
#
loop_
_chem_comp.id
_chem_comp.type
_chem_comp.name
_chem_comp.formula
A RNA linking ADENOSINE-5'-MONOPHOSPHATE 'C10 H14 N5 O7 P'
C RNA linking CYTIDINE-5'-MONOPHOSPHATE 'C9 H14 N3 O8 P'
G RNA linking GUANOSINE-5'-MONOPHOSPHATE 'C10 H14 N5 O8 P'
GTP non-polymer GUANOSINE-5'-TRIPHOSPHATE 'C10 H16 N5 O14 P3'
MG non-polymer 'MAGNESIUM ION' 'Mg 2'
SR non-polymer 'STRONTIUM ION' 'Sr 2'
U RNA linking URIDINE-5'-MONOPHOSPHATE 'C9 H13 N2 O9 P'
#
# COMPACT_ATOMS: atom_id res chain seq x y z
PG GTP A 1 -1.30 -12.84 13.21
O1G GTP A 1 -2.36 -12.43 12.21
O2G GTP A 1 0.08 -12.66 12.63
O3G GTP A 1 -1.41 -11.98 14.45
O3B GTP A 1 -1.46 -14.38 13.64
PB GTP A 1 -1.86 -15.44 12.49
O1B GTP A 1 -1.27 -16.79 12.82
O2B GTP A 1 -3.35 -15.56 12.32
O3A GTP A 1 -1.16 -14.87 11.16
PA GTP A 1 0.38 -15.23 10.81
O1A GTP A 1 0.91 -14.20 9.85
O2A GTP A 1 1.25 -15.36 12.05
O5' GTP A 1 0.23 -16.66 10.07
C5' GTP A 1 -1.01 -16.96 9.48
C4' GTP A 1 -1.27 -18.45 9.50
O4' GTP A 1 -2.57 -18.66 10.00
C3' GTP A 1 -1.27 -18.99 8.08
O3' GTP A 1 -0.09 -19.72 7.81
C2' GTP A 1 -2.49 -19.89 8.00
O2' GTP A 1 -2.12 -21.24 8.19
C1' GTP A 1 -3.39 -19.43 9.14
N9 GTP A 1 -4.43 -18.51 8.66
C8 GTP A 1 -4.72 -17.31 9.27
N7 GTP A 1 -5.70 -16.72 8.59
C5 GTP A 1 -6.07 -17.51 7.56
C6 GTP A 1 -7.03 -17.36 6.57
O6 GTP A 1 -7.73 -16.35 6.55
N1 GTP A 1 -7.22 -18.32 5.61
C2 GTP A 1 -6.42 -19.45 5.65
N2 GTP A 1 -6.58 -20.39 4.73
N3 GTP A 1 -5.47 -19.60 6.64
C4 GTP A 1 -5.28 -18.65 7.59
SR SR B . -11.23 48.99 -9.57
SR SR C . -3.57 48.67 -23.29
SR SR D . 1.67 5.46 -4.17
SR SR E . 6.31 8.05 0.50
SR SR F . -3.56 42.34 -27.43
SR SR G . -3.35 25.98 -8.49
SR SR H . 27.06 -8.19 -1.50
SR SR I . -12.64 50.78 -7.77
SR SR J . -10.45 58.76 -19.82
SR SR K . 25.40 -10.86 -15.40
SR SR L . 7.32 22.64 -16.10
SR SR M . 16.09 17.76 -9.36
SR SR N . 19.77 -5.03 -1.69
SR SR O . 0.89 28.48 -12.75
SR SR P . 12.08 18.22 -12.68
SR SR Q . -8.63 38.54 -27.51
SR SR R . -11.50 39.23 -29.80
SR SR S . 17.36 13.29 -10.06
SR SR T . 8.20 -12.19 -8.12
MG MG U . 5.46 -11.83 -3.80
MG MG V . 2.39 39.16 -12.62
MG MG W . 8.96 33.48 -18.63
MG MG X . -3.42 27.93 -4.39
MG MG Y . 1.58 22.24 -20.84
#